data_3SJ7
#
_entry.id   3SJ7
#
_cell.length_a   126.484
_cell.length_b   126.484
_cell.length_c   176.954
_cell.angle_alpha   90.00
_cell.angle_beta   90.00
_cell.angle_gamma   120.00
#
_symmetry.space_group_name_H-M   'H 3 2'
#
loop_
_entity.id
_entity.type
_entity.pdbx_description
1 polymer '3-oxoacyl-(Acyl-carrier-protein) reductase'
2 non-polymer 'NADPH DIHYDRO-NICOTINAMIDE-ADENINE-DINUCLEOTIDE PHOSPHATE'
3 non-polymer 'TETRAETHYLENE GLYCOL'
4 water water
#
_entity_poly.entity_id   1
_entity_poly.type   'polypeptide(L)'
_entity_poly.pdbx_seq_one_letter_code
;HHHHHHGSMTKSALVTGASRGIGRSIALQLAEEGYNVAVNYAGSKEKAEAVVEEIKAKGVDSFAIQANVADADEVKAMIK
EVVSQFGSLDVLVNNAGITRDNLLMRMKEQEWDDVIDTNLKGVFNCIQKATPQMLRQRSGAIINLSSVVGAVGNPGQANY
VATKAGVIGLTKSAARELASRGITVNAVAPGFIVSDMTDALSDELKEQMLTQIPLARFGQDTDIANTVAFLASDKAKYIT
GQTIHVNGGMYM
;
_entity_poly.pdbx_strand_id   A,B
#
loop_
_chem_comp.id
_chem_comp.type
_chem_comp.name
_chem_comp.formula
NDP non-polymer 'NADPH DIHYDRO-NICOTINAMIDE-ADENINE-DINUCLEOTIDE PHOSPHATE' 'C21 H30 N7 O17 P3'
PG4 non-polymer 'TETRAETHYLENE GLYCOL' 'C8 H18 O5'
#
# COMPACT_ATOMS: atom_id res chain seq x y z
N THR A 10 21.16 -22.14 -18.00
CA THR A 10 21.34 -20.85 -18.74
C THR A 10 20.34 -19.76 -18.26
N LYS A 11 19.35 -20.18 -17.47
CA LYS A 11 18.34 -19.27 -16.90
C LYS A 11 18.57 -19.12 -15.40
N SER A 12 18.33 -17.94 -14.87
CA SER A 12 18.63 -17.72 -13.46
C SER A 12 17.60 -16.92 -12.68
N ALA A 13 17.50 -17.24 -11.39
CA ALA A 13 16.50 -16.62 -10.52
C ALA A 13 17.15 -16.18 -9.23
N LEU A 14 16.55 -15.14 -8.61
CA LEU A 14 16.93 -14.69 -7.27
C LEU A 14 15.68 -14.66 -6.38
N VAL A 15 15.71 -15.35 -5.24
CA VAL A 15 14.57 -15.37 -4.34
C VAL A 15 14.93 -14.69 -3.03
N THR A 16 14.17 -13.64 -2.66
CA THR A 16 14.48 -12.98 -1.41
C THR A 16 13.80 -13.69 -0.22
N GLY A 17 14.51 -13.79 0.90
CA GLY A 17 14.03 -14.56 2.02
C GLY A 17 13.85 -16.04 1.69
N ALA A 18 14.89 -16.67 1.15
CA ALA A 18 14.78 -18.02 0.59
C ALA A 18 15.36 -19.06 1.54
N SER A 19 15.56 -18.65 2.78
CA SER A 19 16.21 -19.51 3.77
C SER A 19 15.25 -20.54 4.36
N ARG A 20 14.00 -20.17 4.55
CA ARG A 20 12.99 -21.08 5.10
C ARG A 20 11.63 -20.71 4.54
N GLY A 21 10.64 -21.54 4.86
CA GLY A 21 9.28 -21.27 4.50
C GLY A 21 9.05 -21.11 3.01
N ILE A 22 8.22 -20.15 2.67
CA ILE A 22 7.69 -20.06 1.33
C ILE A 22 8.78 -19.79 0.30
N GLY A 23 9.68 -18.86 0.61
CA GLY A 23 10.85 -18.63 -0.23
C GLY A 23 11.67 -19.91 -0.45
N ARG A 24 11.91 -20.67 0.63
CA ARG A 24 12.67 -21.93 0.51
C ARG A 24 12.02 -22.76 -0.56
N SER A 25 10.71 -22.92 -0.43
CA SER A 25 9.94 -23.75 -1.33
C SER A 25 9.88 -23.23 -2.80
N ILE A 26 9.77 -21.90 -2.98
CA ILE A 26 9.86 -21.29 -4.34
C ILE A 26 11.23 -21.49 -4.97
N ALA A 27 12.27 -21.31 -4.16
CA ALA A 27 13.64 -21.53 -4.63
C ALA A 27 13.78 -22.96 -5.15
N LEU A 28 13.24 -23.92 -4.38
CA LEU A 28 13.38 -25.30 -4.78
C LEU A 28 12.65 -25.62 -6.08
N GLN A 29 11.51 -24.98 -6.33
CA GLN A 29 10.68 -25.33 -7.49
C GLN A 29 11.28 -24.75 -8.78
N LEU A 30 11.81 -23.52 -8.64
CA LEU A 30 12.56 -22.87 -9.71
C LEU A 30 13.75 -23.78 -10.12
N ALA A 31 14.58 -24.19 -9.17
CA ALA A 31 15.63 -25.19 -9.41
C ALA A 31 15.05 -26.44 -10.07
N GLU A 32 13.92 -26.95 -9.57
CA GLU A 32 13.29 -28.20 -10.04
C GLU A 32 13.06 -28.08 -11.53
N GLU A 33 12.97 -26.84 -11.98
CA GLU A 33 12.60 -26.50 -13.35
C GLU A 33 13.74 -25.95 -14.20
N GLY A 34 14.92 -25.81 -13.59
CA GLY A 34 16.14 -25.58 -14.34
C GLY A 34 16.80 -24.21 -14.23
N TYR A 35 16.32 -23.40 -13.28
CA TYR A 35 16.95 -22.16 -12.95
C TYR A 35 18.13 -22.41 -12.00
N ASN A 36 19.22 -21.67 -12.20
CA ASN A 36 20.23 -21.52 -11.19
C ASN A 36 19.58 -20.54 -10.21
N VAL A 37 19.76 -20.76 -8.91
CA VAL A 37 19.01 -19.98 -7.94
C VAL A 37 19.93 -19.36 -6.89
N ALA A 38 19.82 -18.03 -6.75
CA ALA A 38 20.57 -17.32 -5.74
C ALA A 38 19.70 -17.16 -4.53
N VAL A 39 20.21 -17.62 -3.38
CA VAL A 39 19.44 -17.66 -2.13
C VAL A 39 19.79 -16.50 -1.19
N ASN A 40 18.87 -15.54 -1.09
CA ASN A 40 19.01 -14.39 -0.21
C ASN A 40 18.44 -14.61 1.19
N TYR A 41 19.16 -14.08 2.17
CA TYR A 41 18.76 -14.16 3.58
C TYR A 41 19.22 -12.91 4.35
N ALA A 42 18.55 -12.62 5.48
CA ALA A 42 18.96 -11.55 6.41
C ALA A 42 19.97 -11.98 7.53
N GLY A 43 19.64 -13.06 8.26
CA GLY A 43 20.49 -13.53 9.36
C GLY A 43 20.69 -15.05 9.37
N SER A 44 19.81 -15.79 8.71
CA SER A 44 19.92 -17.25 8.71
C SER A 44 20.98 -17.82 7.75
N LYS A 45 22.26 -17.56 8.03
CA LYS A 45 23.35 -18.00 7.13
C LYS A 45 23.32 -19.50 6.95
N GLU A 46 23.41 -20.19 8.09
CA GLU A 46 23.43 -21.65 8.11
C GLU A 46 22.24 -22.19 7.30
N LYS A 47 21.02 -21.87 7.70
CA LYS A 47 19.83 -22.46 7.05
C LYS A 47 19.78 -22.20 5.54
N ALA A 48 20.20 -21.00 5.14
CA ALA A 48 20.27 -20.61 3.73
C ALA A 48 21.29 -21.47 2.98
N GLU A 49 22.47 -21.63 3.52
CA GLU A 49 23.47 -22.57 2.93
C GLU A 49 22.94 -24.01 2.84
N ALA A 50 22.17 -24.43 3.84
CA ALA A 50 21.47 -25.71 3.77
C ALA A 50 20.51 -25.76 2.56
N VAL A 51 19.71 -24.71 2.38
CA VAL A 51 18.88 -24.59 1.18
C VAL A 51 19.71 -24.63 -0.12
N VAL A 52 20.78 -23.80 -0.16
CA VAL A 52 21.75 -23.87 -1.24
C VAL A 52 22.09 -25.35 -1.60
N GLU A 53 22.44 -26.16 -0.59
CA GLU A 53 22.83 -27.57 -0.82
C GLU A 53 21.72 -28.45 -1.42
N GLU A 54 20.51 -28.26 -0.92
CA GLU A 54 19.35 -28.95 -1.49
C GLU A 54 19.11 -28.57 -2.98
N ILE A 55 19.40 -27.30 -3.34
CA ILE A 55 19.32 -26.80 -4.70
C ILE A 55 20.43 -27.33 -5.60
N LYS A 56 21.67 -27.27 -5.10
CA LYS A 56 22.83 -27.83 -5.80
C LYS A 56 22.63 -29.30 -6.21
N ALA A 57 21.96 -30.06 -5.35
CA ALA A 57 21.79 -31.51 -5.56
C ALA A 57 20.77 -31.78 -6.68
N LYS A 58 20.10 -30.71 -7.12
CA LYS A 58 19.11 -30.76 -8.20
C LYS A 58 19.75 -30.66 -9.57
N GLY A 59 21.04 -30.31 -9.61
CA GLY A 59 21.78 -30.25 -10.87
C GLY A 59 22.02 -28.85 -11.42
N VAL A 60 21.58 -27.84 -10.66
CA VAL A 60 21.73 -26.43 -11.06
C VAL A 60 22.75 -25.75 -10.17
N ASP A 61 23.09 -24.51 -10.50
CA ASP A 61 24.00 -23.72 -9.70
C ASP A 61 23.29 -22.84 -8.67
N SER A 62 23.98 -22.52 -7.59
CA SER A 62 23.34 -21.89 -6.47
C SER A 62 24.36 -21.43 -5.45
N PHE A 63 24.05 -20.30 -4.82
CA PHE A 63 24.88 -19.71 -3.76
C PHE A 63 24.04 -18.84 -2.82
N ALA A 64 24.56 -18.61 -1.62
CA ALA A 64 23.85 -17.80 -0.62
C ALA A 64 24.35 -16.34 -0.60
N ILE A 65 23.41 -15.40 -0.47
CA ILE A 65 23.79 -14.00 -0.54
C ILE A 65 23.08 -13.18 0.54
N GLN A 66 23.86 -12.54 1.40
CA GLN A 66 23.33 -11.82 2.53
C GLN A 66 23.10 -10.37 2.15
N ALA A 67 21.86 -9.93 2.31
CA ALA A 67 21.53 -8.55 2.07
C ALA A 67 20.19 -8.25 2.71
N ASN A 68 20.15 -7.18 3.51
CA ASN A 68 18.92 -6.57 4.04
C ASN A 68 18.12 -5.81 2.96
N VAL A 69 17.04 -6.42 2.49
CA VAL A 69 16.27 -5.89 1.35
C VAL A 69 15.87 -4.41 1.49
N ALA A 70 15.83 -3.90 2.72
CA ALA A 70 15.39 -2.53 2.99
C ALA A 70 16.52 -1.53 2.77
N ASP A 71 17.71 -2.06 2.50
CA ASP A 71 18.90 -1.28 2.20
C ASP A 71 19.18 -1.33 0.70
N ALA A 72 19.18 -0.16 0.05
CA ALA A 72 19.35 -0.10 -1.41
C ALA A 72 20.77 -0.46 -1.86
N ASP A 73 21.77 -0.05 -1.08
CA ASP A 73 23.17 -0.32 -1.43
C ASP A 73 23.43 -1.80 -1.37
N GLU A 74 22.95 -2.43 -0.31
CA GLU A 74 23.06 -3.86 -0.11
C GLU A 74 22.32 -4.64 -1.21
N VAL A 75 21.13 -4.16 -1.61
CA VAL A 75 20.37 -4.74 -2.73
C VAL A 75 21.14 -4.64 -4.06
N LYS A 76 21.63 -3.44 -4.38
CA LYS A 76 22.52 -3.21 -5.53
C LYS A 76 23.71 -4.20 -5.58
N ALA A 77 24.38 -4.35 -4.43
CA ALA A 77 25.55 -5.24 -4.36
C ALA A 77 25.12 -6.66 -4.68
N MET A 78 23.97 -7.04 -4.13
CA MET A 78 23.39 -8.36 -4.33
C MET A 78 23.06 -8.63 -5.80
N ILE A 79 22.38 -7.70 -6.44
CA ILE A 79 22.10 -7.83 -7.86
C ILE A 79 23.37 -8.02 -8.67
N LYS A 80 24.38 -7.17 -8.42
CA LYS A 80 25.64 -7.23 -9.17
C LYS A 80 26.30 -8.58 -8.99
N GLU A 81 26.32 -9.09 -7.76
CA GLU A 81 26.88 -10.42 -7.50
C GLU A 81 26.11 -11.58 -8.17
N VAL A 82 24.79 -11.48 -8.26
CA VAL A 82 24.00 -12.50 -9.00
C VAL A 82 24.36 -12.50 -10.47
N VAL A 83 24.49 -11.30 -11.05
CA VAL A 83 24.83 -11.16 -12.47
C VAL A 83 26.23 -11.67 -12.71
N SER A 84 27.12 -11.29 -11.81
CA SER A 84 28.48 -11.82 -11.77
C SER A 84 28.52 -13.34 -11.89
N GLN A 85 27.83 -14.06 -11.00
CA GLN A 85 27.92 -15.54 -10.94
C GLN A 85 27.16 -16.26 -12.06
N PHE A 86 26.01 -15.73 -12.48
CA PHE A 86 25.10 -16.46 -13.39
C PHE A 86 25.07 -15.93 -14.83
N GLY A 87 25.45 -14.67 -15.01
CA GLY A 87 25.52 -14.06 -16.34
C GLY A 87 24.22 -13.43 -16.76
N SER A 88 23.23 -13.43 -15.87
CA SER A 88 21.89 -12.87 -16.16
C SER A 88 21.03 -12.82 -14.91
N LEU A 89 19.87 -12.17 -15.00
CA LEU A 89 18.81 -12.30 -14.00
C LEU A 89 17.45 -12.36 -14.68
N ASP A 90 16.92 -13.58 -14.79
CA ASP A 90 15.70 -13.86 -15.52
C ASP A 90 14.46 -13.83 -14.67
N VAL A 91 14.63 -14.04 -13.37
CA VAL A 91 13.52 -14.14 -12.47
C VAL A 91 13.88 -13.58 -11.07
N LEU A 92 13.04 -12.63 -10.63
CA LEU A 92 13.17 -12.05 -9.30
C LEU A 92 11.87 -12.36 -8.56
N VAL A 93 12.01 -12.98 -7.39
CA VAL A 93 10.87 -13.34 -6.55
C VAL A 93 11.03 -12.59 -5.23
N ASN A 94 10.21 -11.57 -5.06
CA ASN A 94 10.30 -10.74 -3.90
C ASN A 94 9.50 -11.35 -2.80
N ASN A 95 10.16 -12.14 -1.96
CA ASN A 95 9.44 -12.96 -1.01
C ASN A 95 9.68 -12.49 0.42
N ALA A 96 10.85 -11.93 0.71
CA ALA A 96 11.18 -11.54 2.05
C ALA A 96 10.06 -10.65 2.62
N GLY A 97 9.70 -10.94 3.88
CA GLY A 97 8.52 -10.40 4.52
C GLY A 97 8.61 -10.65 6.01
N ILE A 98 8.14 -9.70 6.82
CA ILE A 98 8.03 -9.83 8.28
C ILE A 98 6.65 -9.36 8.75
N THR A 99 6.29 -9.71 10.00
CA THR A 99 5.07 -9.22 10.63
C THR A 99 5.46 -8.65 11.99
N ARG A 100 4.87 -7.51 12.34
CA ARG A 100 4.88 -7.09 13.73
C ARG A 100 3.45 -6.71 14.15
N ASP A 101 2.64 -7.71 14.51
CA ASP A 101 1.24 -7.51 14.74
C ASP A 101 0.93 -6.79 16.05
N ASN A 102 -0.10 -5.94 16.03
CA ASN A 102 -0.59 -5.30 17.24
C ASN A 102 -1.92 -4.60 16.96
N LEU A 103 -2.77 -4.42 17.96
CA LEU A 103 -3.92 -3.56 17.77
C LEU A 103 -3.45 -2.13 17.50
N LEU A 104 -4.28 -1.38 16.81
CA LEU A 104 -4.04 0.01 16.45
C LEU A 104 -3.61 0.82 17.66
N MET A 105 -4.40 0.74 18.71
CA MET A 105 -4.11 1.34 20.01
C MET A 105 -2.69 1.05 20.53
N ARG A 106 -2.21 -0.15 20.26
CA ARG A 106 -0.96 -0.68 20.81
C ARG A 106 0.25 -0.57 19.86
N MET A 107 0.01 -0.58 18.55
CA MET A 107 1.12 -0.55 17.57
C MET A 107 2.19 0.54 17.84
N LYS A 108 3.45 0.12 17.90
CA LYS A 108 4.53 1.05 18.21
C LYS A 108 5.06 1.56 16.91
N GLU A 109 5.60 2.76 16.91
CA GLU A 109 6.22 3.30 15.73
C GLU A 109 7.20 2.30 15.09
N GLN A 110 8.16 1.78 15.85
CA GLN A 110 9.12 0.80 15.32
C GLN A 110 8.44 -0.37 14.61
N GLU A 111 7.34 -0.86 15.18
CA GLU A 111 6.58 -1.93 14.57
C GLU A 111 6.04 -1.55 13.17
N TRP A 112 5.55 -0.32 13.01
CA TRP A 112 5.13 0.22 11.69
C TRP A 112 6.33 0.40 10.79
N ASP A 113 7.33 1.16 11.25
CA ASP A 113 8.51 1.51 10.43
C ASP A 113 9.18 0.29 9.80
N ASP A 114 9.40 -0.74 10.64
CA ASP A 114 10.17 -1.93 10.29
C ASP A 114 9.47 -2.73 9.24
N VAL A 115 8.16 -2.78 9.36
CA VAL A 115 7.38 -3.59 8.47
C VAL A 115 7.32 -2.96 7.07
N ILE A 116 7.05 -1.65 7.02
CA ILE A 116 6.95 -0.88 5.79
C ILE A 116 8.29 -0.93 5.07
N ASP A 117 9.37 -0.85 5.85
CA ASP A 117 10.68 -0.98 5.30
C ASP A 117 11.03 -2.29 4.62
N THR A 118 10.83 -3.43 5.28
CA THR A 118 11.14 -4.70 4.68
C THR A 118 10.13 -5.13 3.63
N ASN A 119 8.86 -4.96 3.97
CA ASN A 119 7.80 -5.51 3.15
C ASN A 119 7.55 -4.69 1.90
N LEU A 120 7.71 -3.38 1.99
CA LEU A 120 7.34 -2.53 0.86
C LEU A 120 8.56 -1.79 0.31
N LYS A 121 9.41 -1.26 1.18
CA LYS A 121 10.61 -0.59 0.66
C LYS A 121 11.51 -1.67 0.00
N GLY A 122 11.63 -2.81 0.68
CA GLY A 122 12.34 -3.97 0.13
C GLY A 122 12.00 -4.30 -1.31
N VAL A 123 10.71 -4.39 -1.61
CA VAL A 123 10.25 -4.83 -2.93
C VAL A 123 10.65 -3.74 -3.92
N PHE A 124 10.42 -2.47 -3.52
CA PHE A 124 10.78 -1.36 -4.38
C PHE A 124 12.25 -1.45 -4.74
N ASN A 125 13.12 -1.68 -3.73
CA ASN A 125 14.56 -1.71 -3.99
C ASN A 125 14.93 -2.81 -4.98
N CYS A 126 14.35 -3.98 -4.82
CA CYS A 126 14.75 -5.13 -5.61
C CYS A 126 14.37 -4.94 -7.05
N ILE A 127 13.11 -4.55 -7.25
CA ILE A 127 12.58 -4.26 -8.55
C ILE A 127 13.47 -3.20 -9.18
N GLN A 128 13.81 -2.16 -8.41
CA GLN A 128 14.56 -1.05 -9.00
C GLN A 128 15.94 -1.48 -9.49
N LYS A 129 16.66 -2.23 -8.66
CA LYS A 129 18.03 -2.54 -8.95
C LYS A 129 18.16 -3.69 -9.95
N ALA A 130 17.10 -4.48 -10.04
CA ALA A 130 16.97 -5.60 -10.97
C ALA A 130 16.55 -5.19 -12.39
N THR A 131 16.03 -3.97 -12.51
CA THR A 131 15.47 -3.51 -13.76
C THR A 131 16.53 -3.39 -14.88
N PRO A 132 17.65 -2.66 -14.63
CA PRO A 132 18.61 -2.54 -15.74
C PRO A 132 19.00 -3.87 -16.35
N GLN A 133 19.24 -4.87 -15.52
CA GLN A 133 19.65 -6.15 -16.05
C GLN A 133 18.57 -6.73 -16.94
N MET A 134 17.32 -6.69 -16.44
CA MET A 134 16.19 -7.25 -17.21
C MET A 134 15.90 -6.47 -18.47
N LEU A 135 16.04 -5.15 -18.41
CA LEU A 135 15.99 -4.33 -19.63
C LEU A 135 17.09 -4.66 -20.64
N ARG A 136 18.31 -4.95 -20.20
CA ARG A 136 19.35 -5.31 -21.18
C ARG A 136 19.09 -6.66 -21.84
N GLN A 137 18.48 -7.61 -21.11
CA GLN A 137 18.06 -8.90 -21.69
C GLN A 137 16.83 -8.70 -22.57
N ARG A 138 16.06 -7.68 -22.27
CA ARG A 138 14.75 -7.50 -22.89
C ARG A 138 13.79 -8.69 -22.56
N SER A 139 13.84 -9.18 -21.33
CA SER A 139 12.95 -10.26 -20.91
C SER A 139 13.10 -10.44 -19.40
N GLY A 140 12.14 -11.06 -18.75
CA GLY A 140 12.23 -11.03 -17.31
C GLY A 140 10.91 -11.25 -16.69
N ALA A 141 10.90 -11.93 -15.54
CA ALA A 141 9.72 -12.15 -14.79
C ALA A 141 9.96 -11.70 -13.34
N ILE A 142 9.12 -10.79 -12.84
CA ILE A 142 9.18 -10.39 -11.43
C ILE A 142 7.88 -10.81 -10.78
N ILE A 143 7.98 -11.50 -9.65
CA ILE A 143 6.82 -12.02 -8.87
C ILE A 143 6.90 -11.57 -7.40
N ASN A 144 5.84 -10.91 -6.94
CA ASN A 144 5.83 -10.32 -5.59
C ASN A 144 4.92 -11.06 -4.66
N LEU A 145 5.40 -11.40 -3.47
CA LEU A 145 4.49 -12.03 -2.52
C LEU A 145 3.59 -10.96 -1.87
N SER A 146 2.29 -11.09 -2.08
CA SER A 146 1.35 -10.31 -1.31
C SER A 146 0.70 -11.23 -0.26
N SER A 147 -0.58 -11.05 0.05
CA SER A 147 -1.28 -11.96 0.99
C SER A 147 -2.75 -11.66 0.86
N VAL A 148 -3.61 -12.63 1.17
CA VAL A 148 -5.01 -12.43 1.13
C VAL A 148 -5.43 -11.16 1.93
N VAL A 149 -4.70 -10.87 3.01
CA VAL A 149 -5.10 -9.80 3.92
C VAL A 149 -4.85 -8.45 3.27
N GLY A 150 -4.00 -8.45 2.23
CA GLY A 150 -3.83 -7.27 1.41
C GLY A 150 -5.09 -6.89 0.64
N ALA A 151 -5.97 -7.86 0.38
CA ALA A 151 -7.21 -7.51 -0.33
C ALA A 151 -8.41 -7.29 0.59
N VAL A 152 -8.43 -7.99 1.74
CA VAL A 152 -9.59 -7.99 2.61
C VAL A 152 -9.38 -7.27 3.96
N GLY A 153 -8.15 -6.93 4.29
CA GLY A 153 -7.85 -6.27 5.56
C GLY A 153 -7.76 -7.31 6.67
N ASN A 154 -7.25 -6.91 7.84
CA ASN A 154 -7.12 -7.82 8.93
C ASN A 154 -6.76 -7.08 10.24
N PRO A 155 -7.61 -7.20 11.28
CA PRO A 155 -7.36 -6.58 12.58
C PRO A 155 -6.05 -7.11 13.15
N GLY A 156 -5.27 -6.24 13.78
CA GLY A 156 -4.02 -6.66 14.37
C GLY A 156 -2.85 -6.43 13.46
N GLN A 157 -3.14 -6.08 12.21
CA GLN A 157 -2.12 -6.08 11.16
C GLN A 157 -2.08 -4.85 10.20
N ALA A 158 -2.51 -3.69 10.68
CA ALA A 158 -2.64 -2.48 9.85
C ALA A 158 -1.32 -2.11 9.14
N ASN A 159 -0.20 -2.34 9.81
CA ASN A 159 1.12 -2.28 9.17
C ASN A 159 1.34 -3.32 8.05
N TYR A 160 1.20 -4.59 8.38
CA TYR A 160 1.34 -5.64 7.36
C TYR A 160 0.38 -5.48 6.19
N VAL A 161 -0.88 -5.23 6.49
CA VAL A 161 -1.92 -5.10 5.46
C VAL A 161 -1.54 -3.98 4.47
N ALA A 162 -1.13 -2.85 5.07
CA ALA A 162 -0.71 -1.69 4.31
C ALA A 162 0.33 -2.07 3.27
N THR A 163 1.37 -2.79 3.72
CA THR A 163 2.45 -3.20 2.86
C THR A 163 2.00 -4.19 1.80
N LYS A 164 1.13 -5.13 2.16
CA LYS A 164 0.72 -6.13 1.19
C LYS A 164 -0.19 -5.56 0.11
N ALA A 165 -1.01 -4.57 0.46
CA ALA A 165 -1.86 -3.94 -0.52
C ALA A 165 -0.99 -3.03 -1.39
N GLY A 166 0.04 -2.50 -0.75
CA GLY A 166 0.91 -1.52 -1.36
C GLY A 166 1.80 -2.22 -2.38
N VAL A 167 2.18 -3.47 -2.06
CA VAL A 167 2.96 -4.29 -2.95
C VAL A 167 2.13 -4.60 -4.21
N ILE A 168 0.82 -4.75 -4.07
CA ILE A 168 -0.05 -4.93 -5.26
C ILE A 168 -0.08 -3.68 -6.17
N GLY A 169 -0.10 -2.49 -5.57
CA GLY A 169 -0.06 -1.26 -6.36
C GLY A 169 1.26 -1.04 -7.12
N LEU A 170 2.36 -1.34 -6.44
CA LEU A 170 3.69 -1.34 -6.98
C LEU A 170 3.84 -2.31 -8.15
N THR A 171 3.27 -3.50 -8.01
CA THR A 171 3.27 -4.55 -9.01
C THR A 171 2.61 -4.03 -10.27
N LYS A 172 1.47 -3.37 -10.10
CA LYS A 172 0.73 -2.82 -11.24
C LYS A 172 1.54 -1.76 -11.98
N SER A 173 2.08 -0.86 -11.18
CA SER A 173 2.79 0.29 -11.70
C SER A 173 4.07 -0.15 -12.44
N ALA A 174 4.82 -1.10 -11.84
CA ALA A 174 5.99 -1.66 -12.48
C ALA A 174 5.63 -2.50 -13.73
N ALA A 175 4.60 -3.32 -13.63
CA ALA A 175 4.07 -3.99 -14.82
C ALA A 175 3.91 -3.02 -15.99
N ARG A 176 3.31 -1.86 -15.69
CA ARG A 176 2.98 -0.89 -16.73
C ARG A 176 4.20 -0.18 -17.30
N GLU A 177 5.20 0.03 -16.44
CA GLU A 177 6.42 0.73 -16.81
C GLU A 177 7.30 -0.18 -17.63
N LEU A 178 7.25 -1.47 -17.34
CA LEU A 178 8.21 -2.39 -17.92
C LEU A 178 7.63 -3.31 -18.99
N ALA A 179 6.31 -3.25 -19.22
CA ALA A 179 5.65 -4.09 -20.22
C ALA A 179 6.29 -4.09 -21.62
N SER A 180 6.55 -2.90 -22.16
CA SER A 180 6.91 -2.76 -23.55
C SER A 180 8.32 -3.30 -23.86
N ARG A 181 9.14 -3.53 -22.84
CA ARG A 181 10.47 -4.16 -23.07
C ARG A 181 10.58 -5.62 -22.64
N GLY A 182 9.45 -6.34 -22.65
CA GLY A 182 9.38 -7.81 -22.48
C GLY A 182 9.30 -8.38 -21.05
N ILE A 183 9.01 -7.51 -20.09
CA ILE A 183 9.06 -7.95 -18.72
C ILE A 183 7.68 -8.06 -18.10
N THR A 184 7.38 -9.21 -17.47
CA THR A 184 6.11 -9.34 -16.70
C THR A 184 6.33 -9.11 -15.20
N VAL A 185 5.44 -8.30 -14.61
CA VAL A 185 5.40 -8.09 -13.17
C VAL A 185 4.04 -8.54 -12.62
N ASN A 186 4.06 -9.48 -11.68
CA ASN A 186 2.85 -10.09 -11.15
C ASN A 186 3.03 -10.34 -9.65
N ALA A 187 1.91 -10.68 -8.99
CA ALA A 187 1.95 -11.03 -7.60
C ALA A 187 1.15 -12.31 -7.26
N VAL A 188 1.61 -13.03 -6.24
CA VAL A 188 0.86 -14.12 -5.65
C VAL A 188 0.45 -13.77 -4.21
N ALA A 189 -0.83 -13.98 -3.93
CA ALA A 189 -1.38 -13.75 -2.60
C ALA A 189 -1.86 -15.06 -2.02
N PRO A 190 -1.00 -15.69 -1.23
CA PRO A 190 -1.33 -16.90 -0.49
C PRO A 190 -2.39 -16.62 0.59
N GLY A 191 -3.15 -17.65 0.96
CA GLY A 191 -4.15 -17.55 2.01
C GLY A 191 -3.50 -18.02 3.29
N PHE A 192 -4.14 -18.96 3.95
CA PHE A 192 -3.63 -19.56 5.17
C PHE A 192 -2.75 -20.76 4.81
N ILE A 193 -1.45 -20.55 4.86
CA ILE A 193 -0.51 -21.60 4.48
C ILE A 193 0.16 -22.19 5.71
N VAL A 194 0.42 -23.50 5.66
CA VAL A 194 0.97 -24.24 6.82
C VAL A 194 2.24 -23.62 7.43
N SER A 195 3.21 -23.25 6.60
CA SER A 195 4.42 -22.60 7.13
C SER A 195 4.18 -21.57 8.26
N ASP A 196 5.02 -21.65 9.31
N ASP A 196 5.02 -21.65 9.31
N ASP A 196 4.96 -21.70 9.35
CA ASP A 196 4.89 -20.92 10.58
CA ASP A 196 4.89 -20.92 10.58
CA ASP A 196 4.89 -20.87 10.59
C ASP A 196 3.84 -21.56 11.50
C ASP A 196 3.85 -21.56 11.50
C ASP A 196 4.01 -21.47 11.71
N MET A 197 4.15 -22.79 11.92
CA MET A 197 3.24 -23.63 12.76
C MET A 197 2.83 -23.08 14.14
N THR A 198 2.16 -21.93 14.13
CA THR A 198 1.86 -21.17 15.35
C THR A 198 0.43 -21.40 15.86
N ASP A 203 -1.78 -25.72 17.29
CA ASP A 203 -2.48 -26.34 18.41
C ASP A 203 -3.77 -25.57 18.82
N GLU A 204 -3.78 -24.24 18.61
CA GLU A 204 -4.78 -23.31 19.22
C GLU A 204 -6.24 -23.42 18.72
N LEU A 205 -6.95 -22.29 18.74
CA LEU A 205 -8.27 -22.19 18.09
C LEU A 205 -8.06 -21.57 16.71
N LYS A 206 -7.43 -22.36 15.84
CA LYS A 206 -7.13 -22.00 14.46
C LYS A 206 -7.99 -22.76 13.46
N GLU A 207 -8.76 -23.74 13.93
CA GLU A 207 -9.74 -24.39 13.06
C GLU A 207 -10.93 -23.47 12.83
N GLN A 208 -10.84 -22.27 13.42
CA GLN A 208 -11.77 -21.20 13.15
C GLN A 208 -11.42 -20.64 11.78
N MET A 209 -10.12 -20.54 11.53
CA MET A 209 -9.59 -20.12 10.24
C MET A 209 -9.94 -21.13 9.16
N LEU A 210 -9.85 -22.41 9.52
CA LEU A 210 -10.18 -23.55 8.67
C LEU A 210 -11.63 -23.53 8.14
N THR A 211 -12.55 -23.07 8.98
CA THR A 211 -13.94 -22.91 8.58
C THR A 211 -14.10 -21.80 7.54
N GLN A 212 -13.09 -20.93 7.39
CA GLN A 212 -13.11 -19.85 6.41
C GLN A 212 -12.62 -20.27 5.02
N ILE A 213 -12.21 -21.53 4.89
CA ILE A 213 -11.61 -22.05 3.67
C ILE A 213 -12.51 -23.14 3.08
N PRO A 214 -13.26 -22.83 2.02
CA PRO A 214 -14.07 -23.84 1.34
C PRO A 214 -13.30 -25.15 1.09
N LEU A 215 -12.05 -25.13 0.60
CA LEU A 215 -11.35 -26.43 0.38
C LEU A 215 -11.10 -27.23 1.68
N ALA A 216 -11.27 -26.58 2.83
CA ALA A 216 -11.25 -27.25 4.12
C ALA A 216 -9.88 -27.87 4.47
N ARG A 217 -8.81 -27.21 4.05
CA ARG A 217 -7.48 -27.54 4.50
C ARG A 217 -6.61 -26.31 4.36
N PHE A 218 -5.52 -26.22 5.11
CA PHE A 218 -4.54 -25.18 4.84
C PHE A 218 -3.74 -25.53 3.59
N GLY A 219 -3.39 -24.52 2.83
CA GLY A 219 -2.52 -24.75 1.70
C GLY A 219 -1.12 -25.05 2.18
N GLN A 220 -0.26 -25.31 1.20
CA GLN A 220 1.05 -25.82 1.43
C GLN A 220 1.98 -24.87 0.68
N ASP A 221 3.13 -24.55 1.27
CA ASP A 221 4.37 -24.20 0.58
C ASP A 221 4.39 -24.31 -0.92
N THR A 222 4.35 -25.57 -1.36
CA THR A 222 4.57 -25.92 -2.73
C THR A 222 3.38 -25.39 -3.55
N ASP A 223 2.24 -25.18 -2.92
CA ASP A 223 1.11 -24.67 -3.69
C ASP A 223 1.46 -23.27 -4.21
N ILE A 224 2.16 -22.50 -3.40
CA ILE A 224 2.49 -21.15 -3.78
C ILE A 224 3.64 -21.21 -4.76
N ALA A 225 4.63 -22.08 -4.45
CA ALA A 225 5.74 -22.34 -5.35
C ALA A 225 5.24 -22.73 -6.78
N ASN A 226 4.14 -23.44 -6.90
CA ASN A 226 3.65 -23.83 -8.21
C ASN A 226 3.17 -22.64 -9.02
N THR A 227 2.52 -21.70 -8.33
CA THR A 227 1.96 -20.56 -8.99
C THR A 227 3.12 -19.66 -9.43
N VAL A 228 4.12 -19.50 -8.56
CA VAL A 228 5.23 -18.61 -8.78
C VAL A 228 6.03 -19.10 -9.98
N ALA A 229 6.33 -20.40 -10.02
CA ALA A 229 7.02 -21.02 -11.16
C ALA A 229 6.24 -20.86 -12.45
N PHE A 230 4.92 -20.98 -12.36
CA PHE A 230 4.08 -20.90 -13.55
C PHE A 230 4.19 -19.49 -14.10
N LEU A 231 4.11 -18.51 -13.21
CA LEU A 231 4.08 -17.10 -13.63
C LEU A 231 5.42 -16.76 -14.25
N ALA A 232 6.47 -17.44 -13.79
CA ALA A 232 7.84 -17.16 -14.27
C ALA A 232 8.15 -17.83 -15.60
N SER A 233 7.27 -18.69 -16.11
CA SER A 233 7.60 -19.49 -17.31
C SER A 233 7.09 -18.88 -18.60
N ASP A 234 7.51 -19.44 -19.72
CA ASP A 234 7.06 -18.95 -21.02
C ASP A 234 5.58 -19.14 -21.23
N LYS A 235 4.97 -19.93 -20.37
CA LYS A 235 3.56 -20.16 -20.44
C LYS A 235 2.65 -19.11 -19.76
N ALA A 236 3.21 -18.02 -19.24
CA ALA A 236 2.42 -16.94 -18.63
C ALA A 236 2.93 -15.61 -19.13
N LYS A 237 3.58 -15.59 -20.29
CA LYS A 237 4.17 -14.36 -20.80
C LYS A 237 3.15 -13.26 -21.19
N TYR A 238 1.88 -13.60 -21.35
CA TYR A 238 0.89 -12.57 -21.65
C TYR A 238 0.12 -12.10 -20.35
N ILE A 239 0.59 -12.54 -19.18
CA ILE A 239 -0.07 -12.23 -17.93
C ILE A 239 0.81 -11.23 -17.24
N THR A 240 0.28 -10.05 -16.94
CA THR A 240 1.09 -9.05 -16.22
C THR A 240 0.21 -8.07 -15.45
N GLY A 241 0.71 -7.56 -14.33
CA GLY A 241 -0.08 -6.68 -13.44
C GLY A 241 -1.06 -7.42 -12.55
N GLN A 242 -1.03 -8.76 -12.56
CA GLN A 242 -2.09 -9.58 -11.92
C GLN A 242 -1.70 -9.97 -10.52
N THR A 243 -2.71 -10.17 -9.67
CA THR A 243 -2.52 -10.77 -8.38
C THR A 243 -3.21 -12.13 -8.41
N ILE A 244 -2.48 -13.21 -8.17
CA ILE A 244 -3.13 -14.53 -8.23
C ILE A 244 -3.44 -14.96 -6.81
N HIS A 245 -4.72 -15.16 -6.46
CA HIS A 245 -5.03 -15.57 -5.11
C HIS A 245 -4.96 -17.07 -4.99
N VAL A 246 -4.13 -17.54 -4.06
CA VAL A 246 -3.98 -18.99 -3.86
C VAL A 246 -4.42 -19.34 -2.46
N ASN A 247 -5.69 -19.68 -2.28
CA ASN A 247 -6.25 -19.60 -0.93
C ASN A 247 -7.38 -20.56 -0.55
N GLY A 248 -7.60 -21.56 -1.43
CA GLY A 248 -8.64 -22.56 -1.20
C GLY A 248 -10.03 -22.01 -1.35
N GLY A 249 -10.17 -20.78 -1.83
CA GLY A 249 -11.52 -20.22 -1.98
C GLY A 249 -11.92 -19.26 -0.86
N MET A 250 -11.00 -18.95 0.03
CA MET A 250 -11.31 -18.17 1.21
C MET A 250 -11.58 -16.73 0.81
N TYR A 251 -11.02 -16.34 -0.33
CA TYR A 251 -11.31 -15.03 -0.89
C TYR A 251 -11.44 -15.18 -2.41
N MET A 252 -12.60 -14.79 -2.94
CA MET A 252 -12.85 -14.90 -4.37
C MET A 252 -13.10 -13.52 -5.03
N MET B 9 -22.14 20.43 22.32
CA MET B 9 -23.41 20.63 21.56
C MET B 9 -23.50 19.69 20.34
N THR B 10 -23.05 20.23 19.19
CA THR B 10 -23.18 19.64 17.87
C THR B 10 -21.87 18.92 17.57
N LYS B 11 -21.58 18.61 16.29
CA LYS B 11 -20.48 17.69 15.94
C LYS B 11 -19.28 18.32 15.16
N SER B 12 -18.08 17.78 15.36
CA SER B 12 -16.88 18.48 14.86
C SER B 12 -15.85 17.60 14.09
N ALA B 13 -15.03 18.24 13.26
CA ALA B 13 -14.21 17.52 12.28
C ALA B 13 -12.74 17.97 12.17
N LEU B 14 -11.85 17.05 11.78
CA LEU B 14 -10.48 17.42 11.40
C LEU B 14 -10.12 17.00 9.99
N VAL B 15 -9.66 17.94 9.18
CA VAL B 15 -9.26 17.63 7.82
C VAL B 15 -7.77 17.90 7.71
N THR B 16 -7.00 16.89 7.35
CA THR B 16 -5.60 17.12 7.11
C THR B 16 -5.40 17.70 5.70
N GLY B 17 -4.44 18.61 5.56
CA GLY B 17 -4.13 19.22 4.28
C GLY B 17 -5.31 19.96 3.66
N ALA B 18 -5.90 20.83 4.46
CA ALA B 18 -7.13 21.53 4.09
C ALA B 18 -6.89 22.99 3.73
N SER B 19 -5.63 23.39 3.56
CA SER B 19 -5.31 24.78 3.21
C SER B 19 -5.66 25.18 1.77
N ARG B 20 -5.78 24.19 0.89
CA ARG B 20 -5.97 24.38 -0.55
C ARG B 20 -6.56 23.13 -1.21
N GLY B 21 -6.92 23.23 -2.48
CA GLY B 21 -7.46 22.11 -3.23
C GLY B 21 -8.59 21.32 -2.58
N ILE B 22 -8.61 20.01 -2.86
CA ILE B 22 -9.69 19.16 -2.39
C ILE B 22 -9.93 19.23 -0.89
N GLY B 23 -8.85 19.38 -0.12
CA GLY B 23 -8.99 19.47 1.35
C GLY B 23 -9.82 20.67 1.77
N ARG B 24 -9.41 21.85 1.30
CA ARG B 24 -10.17 23.08 1.45
C ARG B 24 -11.63 22.81 1.14
N SER B 25 -11.87 22.23 -0.03
CA SER B 25 -13.25 22.04 -0.50
C SER B 25 -14.02 21.11 0.43
N ILE B 26 -13.39 20.03 0.87
CA ILE B 26 -13.99 19.09 1.80
C ILE B 26 -14.40 19.83 3.09
N ALA B 27 -13.44 20.48 3.73
CA ALA B 27 -13.67 21.24 4.95
C ALA B 27 -14.85 22.23 4.81
N LEU B 28 -14.83 23.07 3.78
CA LEU B 28 -15.98 23.96 3.52
C LEU B 28 -17.28 23.19 3.50
N GLN B 29 -17.24 22.02 2.87
CA GLN B 29 -18.46 21.28 2.70
C GLN B 29 -18.94 20.71 4.04
N LEU B 30 -17.99 20.32 4.88
CA LEU B 30 -18.33 19.88 6.23
C LEU B 30 -18.92 21.04 7.06
N ALA B 31 -18.44 22.25 6.83
CA ALA B 31 -19.00 23.45 7.44
C ALA B 31 -20.44 23.68 7.00
N GLU B 32 -20.75 23.51 5.71
CA GLU B 32 -22.15 23.65 5.23
C GLU B 32 -23.12 22.71 5.93
N GLU B 33 -22.65 21.48 6.23
CA GLU B 33 -23.51 20.50 6.87
C GLU B 33 -23.44 20.63 8.39
N GLY B 34 -22.65 21.63 8.82
CA GLY B 34 -22.71 22.16 10.18
C GLY B 34 -21.68 21.58 11.13
N TYR B 35 -20.59 21.03 10.62
CA TYR B 35 -19.50 20.57 11.49
C TYR B 35 -18.67 21.79 11.86
N ASN B 36 -18.18 21.86 13.11
CA ASN B 36 -17.01 22.69 13.42
C ASN B 36 -15.83 22.01 12.73
N VAL B 37 -14.90 22.77 12.15
CA VAL B 37 -13.78 22.19 11.40
C VAL B 37 -12.39 22.70 11.79
N ALA B 38 -11.48 21.77 12.06
CA ALA B 38 -10.08 22.08 12.24
C ALA B 38 -9.34 21.92 10.91
N VAL B 39 -8.55 22.93 10.58
CA VAL B 39 -7.90 23.02 9.28
C VAL B 39 -6.39 22.77 9.45
N ASN B 40 -5.95 21.52 9.28
CA ASN B 40 -4.54 21.21 9.37
C ASN B 40 -3.72 21.66 8.15
N TYR B 41 -2.49 22.07 8.39
CA TYR B 41 -1.59 22.48 7.35
C TYR B 41 -0.21 22.04 7.75
N ALA B 42 0.71 22.04 6.77
CA ALA B 42 2.08 21.68 7.05
C ALA B 42 2.94 22.93 7.07
N GLY B 43 2.63 23.88 6.18
CA GLY B 43 3.41 25.10 6.06
C GLY B 43 2.69 26.35 5.57
N SER B 44 1.58 26.19 4.86
CA SER B 44 0.85 27.35 4.33
C SER B 44 -0.07 27.97 5.38
N LYS B 45 0.52 28.57 6.40
CA LYS B 45 -0.24 29.15 7.53
C LYS B 45 -1.34 30.12 7.08
N GLU B 46 -0.98 31.07 6.22
CA GLU B 46 -1.93 32.09 5.75
C GLU B 46 -3.13 31.54 4.94
N LYS B 47 -2.91 30.57 4.07
CA LYS B 47 -4.03 30.05 3.27
C LYS B 47 -5.01 29.26 4.14
N ALA B 48 -4.43 28.57 5.13
CA ALA B 48 -5.20 27.85 6.15
C ALA B 48 -6.03 28.86 6.89
N GLU B 49 -5.37 29.87 7.46
CA GLU B 49 -6.07 30.87 8.24
C GLU B 49 -7.21 31.49 7.43
N ALA B 50 -7.00 31.63 6.12
CA ALA B 50 -8.05 32.16 5.23
C ALA B 50 -9.27 31.22 5.13
N VAL B 51 -8.99 29.93 4.95
CA VAL B 51 -10.03 28.92 4.96
C VAL B 51 -10.74 28.81 6.33
N VAL B 52 -9.97 28.92 7.42
CA VAL B 52 -10.54 29.03 8.76
C VAL B 52 -11.65 30.10 8.81
N GLU B 53 -11.42 31.25 8.17
CA GLU B 53 -12.43 32.33 8.16
C GLU B 53 -13.54 32.05 7.18
N GLU B 54 -13.21 31.46 6.03
CA GLU B 54 -14.24 31.08 5.07
C GLU B 54 -15.25 30.15 5.74
N ILE B 55 -14.74 29.32 6.65
CA ILE B 55 -15.51 28.40 7.47
C ILE B 55 -16.35 29.11 8.52
N LYS B 56 -15.77 30.06 9.24
CA LYS B 56 -16.53 30.88 10.20
C LYS B 56 -17.73 31.56 9.54
N ALA B 57 -17.53 32.14 8.35
CA ALA B 57 -18.61 32.81 7.59
C ALA B 57 -19.76 31.83 7.26
N LYS B 58 -19.57 30.57 7.62
CA LYS B 58 -20.64 29.57 7.49
C LYS B 58 -21.40 29.42 8.81
N GLY B 59 -21.03 30.22 9.81
CA GLY B 59 -21.68 30.22 11.12
C GLY B 59 -21.24 29.12 12.08
N VAL B 60 -20.18 28.39 11.72
CA VAL B 60 -19.67 27.33 12.60
C VAL B 60 -18.29 27.70 13.18
N ASP B 61 -17.75 26.91 14.11
CA ASP B 61 -16.43 27.19 14.70
C ASP B 61 -15.28 26.48 13.97
N SER B 62 -14.14 27.16 13.93
CA SER B 62 -12.96 26.68 13.22
C SER B 62 -11.69 27.28 13.77
N PHE B 63 -10.57 26.63 13.45
CA PHE B 63 -9.22 27.13 13.71
C PHE B 63 -8.23 26.35 12.83
N ALA B 64 -7.05 26.92 12.64
CA ALA B 64 -5.97 26.24 11.95
C ALA B 64 -5.05 25.57 12.97
N ILE B 65 -4.51 24.44 12.59
CA ILE B 65 -3.51 23.81 13.41
C ILE B 65 -2.48 23.20 12.50
N GLN B 66 -1.24 23.61 12.74
CA GLN B 66 -0.17 23.11 11.93
C GLN B 66 0.26 21.77 12.48
N ALA B 67 0.63 20.86 11.57
CA ALA B 67 1.28 19.59 11.94
C ALA B 67 1.65 18.77 10.72
N ASN B 68 2.90 18.31 10.72
CA ASN B 68 3.38 17.31 9.77
C ASN B 68 2.79 15.96 10.18
N VAL B 69 2.04 15.33 9.26
CA VAL B 69 1.30 14.08 9.55
C VAL B 69 2.20 12.85 9.63
N ALA B 70 3.38 12.95 8.99
CA ALA B 70 4.40 11.91 9.03
C ALA B 70 5.03 11.73 10.40
N ASP B 71 4.90 12.73 11.28
CA ASP B 71 5.52 12.70 12.64
C ASP B 71 4.45 12.39 13.67
N ALA B 72 4.65 11.31 14.43
CA ALA B 72 3.62 10.81 15.35
C ALA B 72 3.33 11.71 16.56
N ASP B 73 4.32 12.45 17.06
CA ASP B 73 4.09 13.31 18.25
C ASP B 73 3.28 14.52 17.84
N GLU B 74 3.62 15.10 16.71
CA GLU B 74 2.90 16.28 16.22
C GLU B 74 1.46 15.92 15.94
N VAL B 75 1.23 14.68 15.53
CA VAL B 75 -0.10 14.26 15.26
C VAL B 75 -0.83 14.11 16.59
N LYS B 76 -0.16 13.53 17.58
CA LYS B 76 -0.79 13.39 18.88
C LYS B 76 -1.10 14.75 19.45
N ALA B 77 -0.23 15.73 19.23
CA ALA B 77 -0.47 17.04 19.80
C ALA B 77 -1.67 17.66 19.12
N MET B 78 -1.83 17.38 17.84
CA MET B 78 -2.93 17.93 17.06
C MET B 78 -4.30 17.39 17.50
N ILE B 79 -4.38 16.07 17.65
CA ILE B 79 -5.60 15.43 18.08
C ILE B 79 -5.96 15.98 19.47
N LYS B 80 -4.97 16.01 20.37
CA LYS B 80 -5.19 16.48 21.73
C LYS B 80 -5.77 17.89 21.69
N GLU B 81 -5.21 18.74 20.84
CA GLU B 81 -5.67 20.12 20.72
C GLU B 81 -7.05 20.24 20.07
N VAL B 82 -7.40 19.38 19.11
CA VAL B 82 -8.74 19.47 18.52
C VAL B 82 -9.79 19.04 19.53
N VAL B 83 -9.48 18.00 20.31
CA VAL B 83 -10.31 17.53 21.43
C VAL B 83 -10.42 18.60 22.51
N SER B 84 -9.34 19.34 22.73
CA SER B 84 -9.34 20.35 23.76
C SER B 84 -10.27 21.52 23.41
N GLN B 85 -10.22 21.96 22.17
CA GLN B 85 -11.06 23.06 21.70
C GLN B 85 -12.50 22.62 21.52
N PHE B 86 -12.69 21.51 20.79
CA PHE B 86 -14.02 21.14 20.31
C PHE B 86 -14.86 20.33 21.28
N GLY B 87 -14.21 19.51 22.10
CA GLY B 87 -14.90 18.55 22.99
C GLY B 87 -15.06 17.13 22.45
N SER B 88 -14.69 16.92 21.18
CA SER B 88 -14.89 15.63 20.47
C SER B 88 -14.20 15.58 19.09
N LEU B 89 -14.17 14.43 18.46
CA LEU B 89 -13.67 14.35 17.11
C LEU B 89 -14.53 13.33 16.36
N ASP B 90 -15.47 13.87 15.61
CA ASP B 90 -16.54 13.05 15.06
C ASP B 90 -16.21 12.55 13.67
N VAL B 91 -15.40 13.32 12.94
CA VAL B 91 -15.02 13.05 11.58
C VAL B 91 -13.54 13.41 11.39
N LEU B 92 -12.78 12.43 10.91
CA LEU B 92 -11.37 12.60 10.57
C LEU B 92 -11.21 12.36 9.06
N VAL B 93 -10.69 13.34 8.33
CA VAL B 93 -10.53 13.16 6.92
C VAL B 93 -9.06 13.27 6.60
N ASN B 94 -8.46 12.15 6.19
CA ASN B 94 -7.04 12.13 5.86
C ASN B 94 -6.79 12.43 4.40
N ASN B 95 -6.58 13.71 4.14
CA ASN B 95 -6.47 14.18 2.76
C ASN B 95 -5.05 14.58 2.38
N ALA B 96 -4.24 14.94 3.37
CA ALA B 96 -2.89 15.36 3.06
C ALA B 96 -2.11 14.31 2.26
N GLY B 97 -1.35 14.78 1.30
CA GLY B 97 -0.63 13.91 0.38
C GLY B 97 0.23 14.69 -0.61
N ILE B 98 1.36 14.10 -0.95
CA ILE B 98 2.29 14.63 -1.93
C ILE B 98 2.59 13.60 -3.02
N THR B 99 2.87 14.08 -4.23
CA THR B 99 3.55 13.25 -5.24
C THR B 99 5.04 13.62 -5.36
N ARG B 100 5.88 12.62 -5.68
CA ARG B 100 7.24 12.84 -6.15
C ARG B 100 7.52 11.91 -7.33
N ASP B 101 7.03 12.33 -8.50
CA ASP B 101 6.99 11.48 -9.70
C ASP B 101 8.37 11.20 -10.36
N ASN B 102 8.57 9.94 -10.71
CA ASN B 102 9.67 9.44 -11.55
C ASN B 102 9.44 7.99 -11.98
N LEU B 103 9.89 7.64 -13.19
CA LEU B 103 10.02 6.23 -13.57
C LEU B 103 10.82 5.54 -12.47
N LEU B 104 10.49 4.29 -12.21
CA LEU B 104 11.26 3.45 -11.26
C LEU B 104 12.78 3.55 -11.43
N MET B 105 13.29 3.49 -12.66
CA MET B 105 14.74 3.65 -12.86
C MET B 105 15.36 5.04 -12.52
N ARG B 106 14.56 6.10 -12.54
CA ARG B 106 15.08 7.40 -12.11
C ARG B 106 14.70 7.77 -10.67
N MET B 107 13.91 6.95 -9.97
CA MET B 107 13.43 7.33 -8.64
C MET B 107 14.48 7.36 -7.50
N LYS B 108 14.75 8.53 -6.96
CA LYS B 108 15.69 8.62 -5.83
C LYS B 108 15.04 8.09 -4.55
N GLU B 109 15.90 7.64 -3.63
CA GLU B 109 15.49 7.08 -2.36
C GLU B 109 14.60 8.03 -1.55
N GLN B 110 14.95 9.32 -1.51
N GLN B 110 14.98 9.31 -1.48
CA GLN B 110 14.16 10.34 -0.79
CA GLN B 110 14.16 10.35 -0.82
C GLN B 110 12.85 10.70 -1.47
C GLN B 110 12.76 10.32 -1.40
N GLU B 111 12.69 10.30 -2.74
CA GLU B 111 11.43 10.43 -3.45
C GLU B 111 10.47 9.28 -3.06
N TRP B 112 11.02 8.10 -2.79
CA TRP B 112 10.24 7.00 -2.25
C TRP B 112 9.85 7.29 -0.78
N ASP B 113 10.89 7.40 0.05
CA ASP B 113 10.80 7.61 1.50
C ASP B 113 9.75 8.66 1.92
N ASP B 114 9.84 9.83 1.27
CA ASP B 114 8.98 10.98 1.56
C ASP B 114 7.52 10.75 1.23
N VAL B 115 7.23 10.33 -0.02
CA VAL B 115 5.88 9.93 -0.37
C VAL B 115 5.31 8.90 0.61
N ILE B 116 6.07 7.85 0.95
CA ILE B 116 5.53 6.83 1.90
C ILE B 116 5.22 7.47 3.26
N ASP B 117 6.12 8.37 3.66
CA ASP B 117 6.09 8.98 4.94
C ASP B 117 4.81 9.72 5.15
N THR B 118 4.54 10.62 4.21
CA THR B 118 3.35 11.47 4.22
C THR B 118 2.10 10.68 3.90
N ASN B 119 2.09 10.00 2.75
CA ASN B 119 0.87 9.45 2.15
C ASN B 119 0.41 8.18 2.81
N LEU B 120 1.35 7.40 3.31
CA LEU B 120 0.96 6.18 3.97
C LEU B 120 1.12 6.20 5.48
N LYS B 121 2.31 6.53 5.97
CA LYS B 121 2.53 6.60 7.41
C LYS B 121 1.65 7.68 8.01
N GLY B 122 1.48 8.78 7.28
CA GLY B 122 0.67 9.89 7.77
C GLY B 122 -0.74 9.48 8.13
N VAL B 123 -1.32 8.66 7.25
CA VAL B 123 -2.70 8.22 7.38
C VAL B 123 -2.74 7.28 8.56
N PHE B 124 -1.76 6.39 8.64
CA PHE B 124 -1.70 5.52 9.80
C PHE B 124 -1.61 6.37 11.05
N ASN B 125 -0.73 7.39 11.02
CA ASN B 125 -0.51 8.26 12.17
C ASN B 125 -1.80 8.91 12.63
N CYS B 126 -2.51 9.50 11.67
CA CYS B 126 -3.78 10.14 11.95
C CYS B 126 -4.84 9.17 12.48
N ILE B 127 -4.90 7.98 11.90
CA ILE B 127 -5.87 6.96 12.33
C ILE B 127 -5.59 6.50 13.74
N GLN B 128 -4.34 6.15 14.01
CA GLN B 128 -3.98 5.68 15.31
C GLN B 128 -4.30 6.73 16.38
N LYS B 129 -3.79 7.95 16.20
CA LYS B 129 -3.91 8.95 17.26
C LYS B 129 -5.36 9.44 17.46
N ALA B 130 -6.20 9.28 16.46
CA ALA B 130 -7.61 9.67 16.57
C ALA B 130 -8.45 8.60 17.28
N THR B 131 -7.86 7.43 17.49
CA THR B 131 -8.63 6.28 17.99
C THR B 131 -8.98 6.30 19.52
N PRO B 132 -8.02 6.61 20.42
CA PRO B 132 -8.53 6.61 21.81
C PRO B 132 -9.83 7.39 21.96
N GLN B 133 -9.89 8.58 21.35
CA GLN B 133 -11.04 9.47 21.42
C GLN B 133 -12.31 8.96 20.74
N MET B 134 -12.18 8.38 19.55
CA MET B 134 -13.36 7.82 18.89
C MET B 134 -13.95 6.60 19.63
N LEU B 135 -13.08 5.72 20.15
CA LEU B 135 -13.49 4.62 21.04
C LEU B 135 -14.17 5.08 22.32
N ARG B 136 -13.73 6.24 22.82
CA ARG B 136 -14.35 6.87 23.99
C ARG B 136 -15.77 7.31 23.65
N GLN B 137 -15.97 7.89 22.47
CA GLN B 137 -17.31 8.33 22.04
C GLN B 137 -18.21 7.14 21.71
N ARG B 138 -17.58 6.04 21.26
CA ARG B 138 -18.31 4.90 20.71
C ARG B 138 -19.04 5.31 19.43
N SER B 139 -18.48 6.32 18.74
CA SER B 139 -19.02 6.87 17.50
C SER B 139 -17.86 7.41 16.64
N GLY B 140 -18.06 7.51 15.33
CA GLY B 140 -17.09 8.22 14.52
C GLY B 140 -17.00 7.77 13.08
N ALA B 141 -16.48 8.67 12.25
CA ALA B 141 -16.32 8.43 10.84
C ALA B 141 -14.95 8.92 10.37
N ILE B 142 -14.16 8.02 9.78
CA ILE B 142 -12.84 8.32 9.27
C ILE B 142 -12.91 8.14 7.77
N ILE B 143 -12.48 9.16 7.01
CA ILE B 143 -12.45 8.99 5.56
C ILE B 143 -11.07 9.33 5.03
N ASN B 144 -10.54 8.42 4.23
CA ASN B 144 -9.20 8.50 3.69
C ASN B 144 -9.23 8.84 2.22
N LEU B 145 -8.33 9.71 1.80
CA LEU B 145 -8.19 10.03 0.39
C LEU B 145 -7.27 9.05 -0.34
N SER B 146 -7.76 8.47 -1.43
CA SER B 146 -6.91 7.59 -2.24
C SER B 146 -6.92 8.20 -3.60
N SER B 147 -6.92 7.39 -4.63
CA SER B 147 -6.89 7.88 -5.99
C SER B 147 -7.10 6.79 -6.98
N VAL B 148 -7.68 7.13 -8.13
CA VAL B 148 -7.86 6.12 -9.20
C VAL B 148 -6.60 5.29 -9.44
N VAL B 149 -5.43 5.91 -9.39
CA VAL B 149 -4.19 5.14 -9.65
C VAL B 149 -3.89 4.06 -8.59
N GLY B 150 -4.54 4.18 -7.44
CA GLY B 150 -4.41 3.18 -6.38
C GLY B 150 -4.99 1.85 -6.85
N ALA B 151 -5.96 1.94 -7.77
CA ALA B 151 -6.57 0.74 -8.30
C ALA B 151 -5.95 0.25 -9.59
N VAL B 152 -5.50 1.14 -10.45
CA VAL B 152 -5.13 0.69 -11.78
C VAL B 152 -3.64 0.71 -12.00
N GLY B 153 -2.90 1.40 -11.14
CA GLY B 153 -1.46 1.55 -11.27
C GLY B 153 -1.18 2.60 -12.34
N ASN B 154 0.03 3.13 -12.38
CA ASN B 154 0.31 4.16 -13.33
C ASN B 154 1.78 4.28 -13.47
N PRO B 155 2.29 4.15 -14.70
CA PRO B 155 3.75 4.28 -14.83
C PRO B 155 4.22 5.64 -14.30
N GLY B 156 5.42 5.74 -13.76
CA GLY B 156 5.95 7.03 -13.36
C GLY B 156 5.58 7.47 -11.95
N GLN B 157 4.74 6.69 -11.27
CA GLN B 157 4.17 7.04 -9.95
C GLN B 157 4.19 5.86 -8.95
N ALA B 158 5.09 4.91 -9.14
CA ALA B 158 5.14 3.75 -8.29
C ALA B 158 5.10 4.07 -6.79
N ASN B 159 5.80 5.09 -6.35
CA ASN B 159 5.70 5.44 -4.94
C ASN B 159 4.28 5.83 -4.53
N TYR B 160 3.72 6.76 -5.30
CA TYR B 160 2.43 7.33 -5.02
C TYR B 160 1.36 6.24 -5.06
N VAL B 161 1.42 5.43 -6.10
CA VAL B 161 0.51 4.29 -6.27
C VAL B 161 0.59 3.32 -5.09
N ALA B 162 1.81 2.84 -4.79
CA ALA B 162 2.04 2.08 -3.54
C ALA B 162 1.31 2.71 -2.31
N THR B 163 1.46 4.03 -2.10
CA THR B 163 0.74 4.67 -0.99
C THR B 163 -0.78 4.60 -1.08
N LYS B 164 -1.29 4.82 -2.29
CA LYS B 164 -2.73 4.92 -2.47
C LYS B 164 -3.41 3.54 -2.36
N ALA B 165 -2.82 2.52 -3.01
CA ALA B 165 -3.24 1.14 -2.79
C ALA B 165 -3.14 0.81 -1.28
N GLY B 166 -1.99 1.11 -0.67
CA GLY B 166 -1.75 0.80 0.74
C GLY B 166 -2.75 1.50 1.61
N VAL B 167 -3.01 2.77 1.34
CA VAL B 167 -4.10 3.48 2.02
C VAL B 167 -5.40 2.66 1.99
N ILE B 168 -5.78 2.13 0.84
CA ILE B 168 -6.97 1.31 0.73
C ILE B 168 -7.03 0.06 1.64
N GLY B 169 -5.87 -0.54 1.91
CA GLY B 169 -5.77 -1.72 2.78
C GLY B 169 -5.86 -1.27 4.23
N LEU B 170 -5.22 -0.14 4.53
CA LEU B 170 -5.27 0.49 5.83
C LEU B 170 -6.72 0.77 6.18
N THR B 171 -7.49 1.27 5.19
CA THR B 171 -8.93 1.50 5.34
C THR B 171 -9.65 0.19 5.74
N LYS B 172 -9.48 -0.88 4.97
CA LYS B 172 -10.11 -2.16 5.30
C LYS B 172 -9.75 -2.68 6.67
N SER B 173 -8.47 -2.59 7.01
CA SER B 173 -7.99 -3.11 8.29
C SER B 173 -8.45 -2.29 9.51
N ALA B 174 -8.25 -0.99 9.47
CA ALA B 174 -8.90 -0.07 10.42
C ALA B 174 -10.44 -0.30 10.50
N ALA B 175 -11.10 -0.36 9.36
CA ALA B 175 -12.55 -0.59 9.37
C ALA B 175 -12.88 -1.81 10.23
N ARG B 176 -12.07 -2.86 10.04
CA ARG B 176 -12.23 -4.12 10.77
C ARG B 176 -12.00 -4.06 12.26
N GLU B 177 -11.06 -3.21 12.68
CA GLU B 177 -10.72 -3.09 14.10
C GLU B 177 -11.80 -2.32 14.90
N LEU B 178 -12.35 -1.29 14.29
CA LEU B 178 -13.10 -0.31 15.06
C LEU B 178 -14.57 -0.45 14.82
N ALA B 179 -14.93 -1.31 13.88
CA ALA B 179 -16.31 -1.51 13.54
C ALA B 179 -17.15 -1.80 14.78
N SER B 180 -16.78 -2.80 15.57
CA SER B 180 -17.68 -3.21 16.63
C SER B 180 -17.90 -2.09 17.64
N ARG B 181 -17.09 -1.03 17.56
CA ARG B 181 -17.20 0.06 18.55
C ARG B 181 -17.81 1.38 18.03
N GLY B 182 -18.54 1.31 16.91
CA GLY B 182 -19.29 2.46 16.40
C GLY B 182 -18.58 3.30 15.33
N ILE B 183 -17.33 2.97 15.00
CA ILE B 183 -16.54 3.75 14.03
C ILE B 183 -16.48 3.13 12.59
N THR B 184 -16.93 3.89 11.59
CA THR B 184 -16.77 3.50 10.17
C THR B 184 -15.48 4.09 9.60
N VAL B 185 -14.78 3.31 8.78
CA VAL B 185 -13.56 3.75 8.10
C VAL B 185 -13.72 3.46 6.62
N ASN B 186 -13.59 4.52 5.80
CA ASN B 186 -13.79 4.40 4.35
C ASN B 186 -12.78 5.21 3.57
N ALA B 187 -12.74 4.95 2.25
CA ALA B 187 -11.85 5.69 1.34
C ALA B 187 -12.63 6.32 0.16
N VAL B 188 -12.15 7.45 -0.35
CA VAL B 188 -12.65 8.03 -1.62
C VAL B 188 -11.54 8.13 -2.63
N ALA B 189 -11.84 7.72 -3.85
CA ALA B 189 -10.81 7.70 -4.89
C ALA B 189 -11.19 8.56 -6.10
N PRO B 190 -10.59 9.75 -6.21
CA PRO B 190 -10.85 10.69 -7.29
C PRO B 190 -10.09 10.21 -8.50
N GLY B 191 -10.69 10.40 -9.68
CA GLY B 191 -10.04 10.24 -10.99
C GLY B 191 -9.41 11.57 -11.37
N PHE B 192 -9.77 12.12 -12.54
CA PHE B 192 -9.21 13.41 -12.97
C PHE B 192 -10.06 14.58 -12.48
N ILE B 193 -9.48 15.39 -11.60
CA ILE B 193 -10.18 16.50 -10.96
C ILE B 193 -9.44 17.78 -11.39
N VAL B 194 -10.20 18.82 -11.78
CA VAL B 194 -9.66 20.14 -12.07
C VAL B 194 -8.84 20.67 -10.89
N SER B 195 -7.60 21.04 -11.12
CA SER B 195 -6.80 21.73 -10.10
C SER B 195 -5.76 22.64 -10.81
N ASP B 196 -4.52 22.12 -10.96
CA ASP B 196 -3.35 22.85 -11.57
C ASP B 196 -3.68 23.55 -12.87
N THR B 198 -4.40 20.82 -14.26
CA THR B 198 -5.34 20.87 -15.37
C THR B 198 -5.69 22.29 -15.91
N ASP B 199 -5.31 23.37 -15.19
CA ASP B 199 -5.64 24.76 -15.61
C ASP B 199 -4.50 25.53 -16.28
N ALA B 200 -3.53 24.78 -16.78
CA ALA B 200 -2.54 25.35 -17.66
C ALA B 200 -2.07 24.27 -18.57
N LEU B 201 -2.76 23.13 -18.54
CA LEU B 201 -2.51 22.06 -19.49
C LEU B 201 -3.01 22.49 -20.88
N SER B 202 -2.42 21.89 -21.91
CA SER B 202 -2.74 22.21 -23.28
C SER B 202 -3.97 21.45 -23.70
N ASP B 203 -4.64 21.92 -24.75
CA ASP B 203 -5.77 21.24 -25.40
C ASP B 203 -5.45 19.79 -25.76
N GLU B 204 -4.30 19.56 -26.38
CA GLU B 204 -3.90 18.25 -26.85
C GLU B 204 -3.96 17.25 -25.68
N LEU B 205 -3.38 17.66 -24.54
CA LEU B 205 -3.29 16.82 -23.35
C LEU B 205 -4.60 16.62 -22.62
N LYS B 206 -5.37 17.71 -22.49
CA LYS B 206 -6.70 17.66 -21.91
C LYS B 206 -7.53 16.61 -22.68
N GLU B 207 -7.59 16.72 -24.01
CA GLU B 207 -8.34 15.80 -24.87
C GLU B 207 -7.88 14.37 -24.72
N GLN B 208 -6.57 14.17 -24.57
CA GLN B 208 -6.02 12.85 -24.35
C GLN B 208 -6.58 12.33 -23.02
N MET B 209 -6.52 13.16 -21.99
CA MET B 209 -7.13 12.82 -20.71
C MET B 209 -8.66 12.54 -20.77
N LEU B 210 -9.42 13.35 -21.50
CA LEU B 210 -10.88 13.20 -21.55
C LEU B 210 -11.38 11.92 -22.23
N THR B 211 -10.70 11.49 -23.29
CA THR B 211 -11.04 10.22 -23.92
C THR B 211 -10.94 9.04 -22.93
N GLN B 212 -10.28 9.24 -21.80
CA GLN B 212 -10.30 8.19 -20.77
C GLN B 212 -11.53 8.20 -19.90
N ILE B 213 -12.34 9.26 -20.00
CA ILE B 213 -13.43 9.47 -19.05
C ILE B 213 -14.78 9.42 -19.75
N PRO B 214 -15.51 8.32 -19.64
CA PRO B 214 -16.82 8.23 -20.29
C PRO B 214 -17.72 9.50 -20.13
N LEU B 215 -17.74 10.11 -18.94
CA LEU B 215 -18.59 11.33 -18.79
C LEU B 215 -18.07 12.52 -19.60
N ALA B 216 -16.91 12.37 -20.22
CA ALA B 216 -16.31 13.36 -21.08
C ALA B 216 -16.10 14.76 -20.45
N ARG B 217 -15.82 14.81 -19.14
CA ARG B 217 -15.42 16.03 -18.46
C ARG B 217 -14.54 15.71 -17.22
N PHE B 218 -13.87 16.70 -16.66
CA PHE B 218 -13.09 16.50 -15.42
C PHE B 218 -13.99 16.68 -14.26
N GLY B 219 -13.57 16.15 -13.13
CA GLY B 219 -14.35 16.25 -11.93
C GLY B 219 -14.03 17.53 -11.21
N GLN B 220 -14.85 17.85 -10.22
CA GLN B 220 -14.68 19.11 -9.49
C GLN B 220 -14.35 18.76 -8.05
N ASP B 221 -13.53 19.57 -7.41
CA ASP B 221 -13.41 19.66 -5.95
C ASP B 221 -14.61 19.13 -5.19
N THR B 222 -15.72 19.82 -5.44
CA THR B 222 -16.99 19.61 -4.78
C THR B 222 -17.62 18.20 -4.98
N ASP B 223 -17.30 17.51 -6.09
CA ASP B 223 -17.75 16.12 -6.25
C ASP B 223 -17.08 15.25 -5.20
N ILE B 224 -15.79 15.48 -4.97
CA ILE B 224 -15.13 14.75 -3.91
C ILE B 224 -15.68 15.13 -2.54
N ALA B 225 -15.88 16.44 -2.31
CA ALA B 225 -16.36 16.91 -1.01
C ALA B 225 -17.69 16.28 -0.71
N ASN B 226 -18.52 16.17 -1.75
CA ASN B 226 -19.87 15.67 -1.58
C ASN B 226 -19.83 14.26 -1.06
N THR B 227 -18.94 13.45 -1.64
CA THR B 227 -18.88 12.03 -1.32
C THR B 227 -18.28 11.83 0.05
N VAL B 228 -17.32 12.64 0.41
CA VAL B 228 -16.78 12.59 1.74
C VAL B 228 -17.86 12.89 2.82
N ALA B 229 -18.62 13.98 2.66
CA ALA B 229 -19.62 14.39 3.65
C ALA B 229 -20.64 13.29 3.83
N PHE B 230 -21.12 12.79 2.70
CA PHE B 230 -22.04 11.67 2.71
C PHE B 230 -21.43 10.57 3.57
N LEU B 231 -20.17 10.23 3.34
CA LEU B 231 -19.58 9.15 4.12
C LEU B 231 -19.56 9.44 5.62
N ALA B 232 -19.39 10.71 5.96
CA ALA B 232 -19.34 11.15 7.36
C ALA B 232 -20.74 11.27 7.98
N SER B 233 -21.78 11.27 7.16
CA SER B 233 -23.09 11.54 7.67
C SER B 233 -23.79 10.27 8.18
N ASP B 234 -24.65 10.46 9.18
CA ASP B 234 -25.54 9.43 9.69
C ASP B 234 -26.13 8.59 8.58
N LYS B 235 -26.34 9.21 7.42
CA LYS B 235 -26.95 8.54 6.33
C LYS B 235 -26.06 7.46 5.70
N ALA B 236 -24.90 7.18 6.28
CA ALA B 236 -23.94 6.27 5.69
C ALA B 236 -23.31 5.35 6.73
N LYS B 237 -23.94 5.25 7.90
CA LYS B 237 -23.31 4.59 9.05
C LYS B 237 -23.26 3.05 8.97
N TYR B 238 -23.83 2.51 7.91
CA TYR B 238 -23.72 1.10 7.63
C TYR B 238 -22.71 0.84 6.47
N ILE B 239 -21.97 1.89 6.09
CA ILE B 239 -20.97 1.68 5.09
C ILE B 239 -19.57 1.60 5.71
N THR B 240 -18.90 0.47 5.58
CA THR B 240 -17.57 0.47 6.10
C THR B 240 -16.57 -0.37 5.34
N GLY B 241 -15.37 0.21 5.25
CA GLY B 241 -14.20 -0.44 4.59
C GLY B 241 -14.28 -0.42 3.08
N GLN B 242 -15.07 0.53 2.55
CA GLN B 242 -15.37 0.68 1.13
C GLN B 242 -14.57 1.81 0.53
N THR B 243 -14.17 1.67 -0.73
CA THR B 243 -13.63 2.78 -1.43
C THR B 243 -14.68 3.23 -2.47
N ILE B 244 -14.98 4.52 -2.48
CA ILE B 244 -15.84 5.10 -3.49
C ILE B 244 -15.00 5.80 -4.53
N HIS B 245 -15.23 5.42 -5.77
CA HIS B 245 -14.50 5.96 -6.86
C HIS B 245 -15.37 7.03 -7.49
N VAL B 246 -14.83 8.25 -7.53
CA VAL B 246 -15.52 9.38 -8.07
C VAL B 246 -14.68 9.89 -9.23
N ASN B 247 -14.98 9.36 -10.43
CA ASN B 247 -14.01 9.42 -11.54
C ASN B 247 -14.68 9.43 -12.89
N GLY B 248 -16.00 9.63 -12.87
CA GLY B 248 -16.77 9.78 -14.09
C GLY B 248 -16.68 8.60 -14.99
N GLY B 249 -16.43 7.42 -14.42
CA GLY B 249 -16.41 6.18 -15.20
C GLY B 249 -15.06 5.67 -15.70
N MET B 250 -14.02 6.45 -15.51
CA MET B 250 -12.65 6.08 -15.85
C MET B 250 -12.24 4.69 -15.35
N TYR B 251 -12.66 4.35 -14.15
CA TYR B 251 -12.38 3.03 -13.63
C TYR B 251 -13.61 2.47 -12.98
N MET B 252 -13.95 1.24 -13.34
CA MET B 252 -15.14 0.64 -12.86
C MET B 252 -14.74 -0.75 -12.38
PA NDP C . 9.04 -16.51 7.02
O1A NDP C . 9.09 -18.00 6.99
O2A NDP C . 8.88 -15.90 8.36
O5B NDP C . 10.40 -16.03 6.32
C5B NDP C . 10.72 -14.66 6.16
C4B NDP C . 11.91 -14.61 5.19
O4B NDP C . 12.25 -13.28 4.86
C3B NDP C . 13.14 -15.24 5.84
O3B NDP C . 13.88 -15.94 4.85
C2B NDP C . 13.95 -14.06 6.28
O2B NDP C . 15.32 -14.39 6.21
C1B NDP C . 13.60 -13.03 5.22
N9A NDP C . 13.76 -11.65 5.62
C8A NDP C . 13.11 -10.97 6.63
N7A NDP C . 13.56 -9.69 6.63
C5A NDP C . 14.48 -9.56 5.64
C6A NDP C . 15.26 -8.48 5.20
N6A NDP C . 15.13 -7.29 5.82
N1A NDP C . 16.14 -8.67 4.14
C2A NDP C . 16.26 -9.90 3.52
N3A NDP C . 15.48 -10.94 3.95
C4A NDP C . 14.63 -10.78 4.99
O3 NDP C . 7.82 -16.04 6.11
PN NDP C . 6.96 -16.87 5.04
O1N NDP C . 7.87 -17.70 4.21
O2N NDP C . 5.76 -17.48 5.70
O5D NDP C . 6.45 -15.63 4.13
C5D NDP C . 6.84 -15.51 2.78
C4D NDP C . 6.02 -14.43 2.13
O4D NDP C . 4.68 -14.85 2.08
C3D NDP C . 6.06 -13.17 2.99
O3D NDP C . 6.18 -12.05 2.14
C2D NDP C . 4.73 -13.22 3.71
O2D NDP C . 4.34 -11.98 4.27
C1D NDP C . 3.84 -13.84 2.64
N1N NDP C . 2.59 -14.46 3.12
C2N NDP C . 2.57 -15.49 4.03
C3N NDP C . 1.37 -16.05 4.46
C7N NDP C . 1.34 -17.24 5.40
O7N NDP C . 0.06 -17.80 5.74
N7N NDP C . 2.52 -17.72 5.87
C4N NDP C . 0.17 -15.57 3.95
C5N NDP C . 0.18 -14.53 3.04
C6N NDP C . 1.40 -14.00 2.61
P2B NDP C . 16.17 -14.67 7.57
O1X NDP C . 15.72 -13.75 8.68
O2X NDP C . 17.64 -14.42 7.32
O3X NDP C . 15.91 -16.09 7.93
O1 PG4 D . -0.89 -13.22 6.21
C1 PG4 D . -1.15 -13.96 7.42
C2 PG4 D . -2.00 -13.13 8.38
O2 PG4 D . -3.00 -13.96 9.03
C3 PG4 D . -2.79 -14.16 10.44
C4 PG4 D . -3.75 -13.35 11.34
O3 PG4 D . -5.08 -13.92 11.44
C5 PG4 D . -5.84 -13.90 10.21
C6 PG4 D . -7.37 -13.97 10.37
O4 PG4 D . -8.01 -13.86 9.07
C7 PG4 D . -8.96 -12.79 8.98
C8 PG4 D . -9.14 -12.36 7.52
O5 PG4 D . -10.45 -11.80 7.37
O1 PG4 E . 21.13 -4.80 -25.44
C1 PG4 E . 21.36 -4.13 -24.20
C2 PG4 E . 21.27 -2.61 -24.39
O2 PG4 E . 20.43 -2.08 -23.36
C3 PG4 E . 19.13 -1.71 -23.85
C4 PG4 E . 18.24 -1.09 -22.77
O3 PG4 E . 19.00 -0.76 -21.62
C5 PG4 E . 18.80 -1.67 -20.55
C6 PG4 E . 20.05 -1.97 -19.74
O4 PG4 E . 19.85 -1.61 -18.38
PA NDP F . -2.65 19.62 -2.87
O1A NDP F . -3.44 20.71 -3.50
O2A NDP F . -1.26 19.39 -3.38
O5B NDP F . -2.50 19.92 -1.27
C5B NDP F . -1.53 19.28 -0.46
C4B NDP F . -2.01 19.42 0.98
O4B NDP F . -1.37 18.46 1.78
C3B NDP F . -1.57 20.77 1.49
O3B NDP F . -2.57 21.36 2.28
C2B NDP F . -0.40 20.44 2.38
O2B NDP F . -0.23 21.42 3.39
C1B NDP F . -0.75 19.06 2.90
N9A NDP F . 0.42 18.31 3.26
C8A NDP F . 1.42 17.83 2.44
N7A NDP F . 2.34 17.18 3.23
C5A NDP F . 1.95 17.25 4.53
C6A NDP F . 2.48 16.79 5.75
N6A NDP F . 3.63 16.10 5.82
N1A NDP F . 1.80 17.03 6.93
C2A NDP F . 0.61 17.73 6.91
N3A NDP F . 0.10 18.19 5.72
C4A NDP F . 0.74 17.97 4.56
O3 NDP F . -3.55 18.26 -2.99
PN NDP F . -4.85 17.74 -3.85
O1N NDP F . -6.09 18.48 -3.46
O2N NDP F . -4.43 17.63 -5.29
O5D NDP F . -5.03 16.24 -3.27
C5D NDP F . -5.78 15.83 -2.14
C4D NDP F . -5.71 14.29 -1.97
O4D NDP F . -6.37 13.60 -3.03
C3D NDP F . -4.26 13.79 -1.98
O3D NDP F . -4.11 12.71 -1.10
C2D NDP F . -4.04 13.39 -3.43
O2D NDP F . -2.98 12.49 -3.50
C1D NDP F . -5.44 12.89 -3.85
N1N NDP F . -5.81 12.94 -5.31
C2N NDP F . -5.86 14.12 -6.00
C3N NDP F . -6.26 14.13 -7.36
C7N NDP F . -6.28 15.42 -8.11
O7N NDP F . -6.60 15.33 -9.49
N7N NDP F . -5.97 16.56 -7.49
C4N NDP F . -6.59 12.94 -8.02
C5N NDP F . -6.52 11.74 -7.32
C6N NDP F . -6.16 11.79 -5.97
P2B NDP F . 0.51 22.81 3.05
O1X NDP F . 1.66 22.50 2.10
O2X NDP F . 0.87 23.38 4.41
O3X NDP F . -0.41 23.71 2.27
O1 PG4 G . -3.66 4.74 -18.27
C1 PG4 G . -3.63 4.34 -16.90
C2 PG4 G . -4.55 5.24 -16.06
O2 PG4 G . -3.83 6.35 -15.50
C3 PG4 G . -4.57 7.57 -15.56
C4 PG4 G . -4.00 8.64 -14.62
O3 PG4 G . -4.93 9.10 -13.62
C5 PG4 G . -4.27 10.01 -12.73
C6 PG4 G . -5.22 10.73 -11.80
O4 PG4 G . -4.51 11.74 -11.09
C7 PG4 G . -4.90 13.09 -11.43
C8 PG4 G . -3.72 14.05 -11.57
O5 PG4 G . -3.69 14.65 -12.89
#